data_5HHW
#
_entry.id   5HHW
#
_cell.length_a   57.920
_cell.length_b   69.160
_cell.length_c   89.860
_cell.angle_alpha   90.00
_cell.angle_beta   90.00
_cell.angle_gamma   90.00
#
_symmetry.space_group_name_H-M   'P 21 21 21'
#
loop_
_entity.id
_entity.type
_entity.pdbx_description
1 polymer 'Insulin receptor'
2 non-polymer 7-[3-(azetidin-1-ylmethyl)cyclobutyl]-5-[3-[[(2~{R})-oxan-2-yl]methoxy]phenyl]pyrrolo[2,3-d]pyrimidin-4-amine
3 non-polymer 1,2-ETHANEDIOL
4 water water
#
_entity_poly.entity_id   1
_entity_poly.type   'polypeptide(L)'
_entity_poly.pdbx_seq_one_letter_code
;MVFPSSVYVPDEWEVSREKITLLRELGQGSFGMVYEGNARDIIKGEAETRVAVKTVNESASLRERIEFLNEASVMKGFTC
HHVVRLLGVVSKGQPTLVVMELMAHGDLKSYLRSLRPEAENNPGRPPPTLQEMIQMAAEIADGMAYLNAKKFVHRNLAAR
NCMVAHDFTVKIGDFGMTRDIYETDYYRKGGKGLLPVRWMAPESLKDGVFTTSSDMWSFGVVLWEITSLAEQPYQGLSNE
QVLKFVMDGGYLDQPDNCPERVTDLMRMCWQFNPKMRPTFLEIVNLLKDDLHPSFPEVSFFHSEENK
;
_entity_poly.pdbx_strand_id   A
#
# COMPACT_ATOMS: atom_id res chain seq x y z
N VAL A 2 2.21 18.96 23.73
CA VAL A 2 2.51 17.82 22.85
C VAL A 2 3.47 18.25 21.75
N PHE A 3 4.59 17.53 21.64
CA PHE A 3 5.62 17.71 20.61
C PHE A 3 6.45 16.43 20.53
N PRO A 4 6.64 15.86 19.32
CA PRO A 4 7.37 14.59 19.23
C PRO A 4 8.87 14.67 19.46
N SER A 5 9.41 13.62 20.08
CA SER A 5 10.85 13.43 20.29
C SER A 5 11.37 12.77 19.01
N SER A 6 12.60 13.10 18.62
CA SER A 6 13.19 12.47 17.44
C SER A 6 13.68 11.08 17.84
N VAL A 7 13.14 10.02 17.21
CA VAL A 7 13.56 8.65 17.56
C VAL A 7 14.65 8.16 16.58
N TYR A 8 14.76 8.78 15.40
CA TYR A 8 15.77 8.40 14.41
C TYR A 8 17.21 8.55 14.96
N VAL A 9 17.97 7.44 14.92
CA VAL A 9 19.37 7.41 15.34
C VAL A 9 20.21 7.30 14.04
N PRO A 10 21.12 8.27 13.77
CA PRO A 10 21.97 8.15 12.55
C PRO A 10 22.95 7.01 12.78
N ASP A 11 22.59 5.83 12.24
CA ASP A 11 23.36 4.60 12.40
C ASP A 11 23.80 4.05 11.05
N GLU A 12 23.82 2.71 10.90
CA GLU A 12 24.17 2.01 9.65
C GLU A 12 23.19 2.36 8.52
N TRP A 13 22.01 2.95 8.86
CA TRP A 13 21.01 3.35 7.85
C TRP A 13 21.34 4.72 7.26
N GLU A 14 22.22 5.50 7.92
CA GLU A 14 22.59 6.82 7.42
C GLU A 14 23.43 6.67 6.16
N VAL A 15 23.00 7.35 5.09
CA VAL A 15 23.64 7.35 3.76
CA VAL A 15 23.70 7.36 3.82
C VAL A 15 24.15 8.77 3.47
N SER A 16 25.36 8.89 2.92
CA SER A 16 25.89 10.19 2.56
CA SER A 16 25.93 10.17 2.52
C SER A 16 25.07 10.75 1.40
N ARG A 17 24.69 12.03 1.51
CA ARG A 17 23.87 12.73 0.53
C ARG A 17 24.41 12.60 -0.90
N GLU A 18 25.75 12.68 -1.06
CA GLU A 18 26.43 12.62 -2.34
C GLU A 18 26.27 11.28 -3.06
N LYS A 19 25.81 10.24 -2.35
CA LYS A 19 25.55 8.93 -2.97
C LYS A 19 24.22 8.89 -3.73
N ILE A 20 23.37 9.92 -3.54
CA ILE A 20 22.02 9.96 -4.11
C ILE A 20 21.96 10.94 -5.26
N THR A 21 21.41 10.49 -6.41
CA THR A 21 21.19 11.32 -7.60
C THR A 21 19.71 11.20 -7.93
N LEU A 22 19.06 12.32 -8.21
CA LEU A 22 17.62 12.35 -8.49
C LEU A 22 17.40 12.51 -9.96
N LEU A 23 16.48 11.71 -10.49
CA LEU A 23 16.20 11.69 -11.90
C LEU A 23 14.95 12.42 -12.30
N ARG A 24 13.82 12.09 -11.67
CA ARG A 24 12.53 12.68 -12.04
C ARG A 24 11.50 12.60 -10.91
N GLU A 25 10.45 13.37 -11.02
CA GLU A 25 9.38 13.31 -10.02
C GLU A 25 8.50 12.09 -10.26
N LEU A 26 8.07 11.45 -9.18
CA LEU A 26 7.12 10.33 -9.25
C LEU A 26 5.75 10.74 -8.67
N GLY A 27 5.69 11.88 -7.98
CA GLY A 27 4.45 12.40 -7.44
C GLY A 27 4.50 12.66 -5.95
N GLN A 28 3.62 13.55 -5.50
CA GLN A 28 3.50 13.93 -4.10
C GLN A 28 3.01 12.76 -3.25
N GLY A 29 3.70 12.50 -2.15
CA GLY A 29 3.29 11.48 -1.19
C GLY A 29 3.08 12.20 0.12
N SER A 30 2.98 11.46 1.22
CA SER A 30 2.91 12.12 2.53
C SER A 30 4.24 12.84 2.77
N PHE A 31 4.20 14.03 3.40
CA PHE A 31 5.35 14.87 3.75
C PHE A 31 5.99 15.66 2.60
N GLY A 32 6.10 15.04 1.42
CA GLY A 32 6.73 15.70 0.28
C GLY A 32 6.76 14.88 -1.00
N MET A 33 7.48 15.39 -1.98
CA MET A 33 7.62 14.79 -3.29
C MET A 33 8.42 13.50 -3.23
N VAL A 34 8.01 12.52 -4.03
CA VAL A 34 8.76 11.27 -4.20
C VAL A 34 9.43 11.38 -5.56
N TYR A 35 10.73 11.09 -5.63
CA TYR A 35 11.52 11.09 -6.87
C TYR A 35 12.01 9.70 -7.20
N GLU A 36 12.28 9.46 -8.49
CA GLU A 36 12.99 8.26 -8.89
C GLU A 36 14.43 8.71 -8.87
N GLY A 37 15.31 7.88 -8.34
CA GLY A 37 16.71 8.22 -8.32
C GLY A 37 17.60 7.00 -8.44
N ASN A 38 18.89 7.23 -8.21
CA ASN A 38 19.91 6.19 -8.16
C ASN A 38 20.74 6.40 -6.90
N ALA A 39 21.18 5.30 -6.31
CA ALA A 39 22.00 5.35 -5.11
C ALA A 39 23.24 4.50 -5.31
N ARG A 40 24.38 5.11 -5.07
CA ARG A 40 25.67 4.46 -5.22
C ARG A 40 26.05 3.70 -3.96
N ASP A 41 26.44 2.43 -4.12
CA ASP A 41 26.94 1.56 -3.04
C ASP A 41 26.10 1.60 -1.75
N ILE A 42 24.80 1.38 -1.89
CA ILE A 42 23.89 1.31 -0.72
C ILE A 42 23.52 -0.13 -0.37
N ILE A 43 23.66 -1.06 -1.35
CA ILE A 43 23.41 -2.50 -1.20
C ILE A 43 24.69 -3.27 -1.58
N LYS A 44 25.15 -4.15 -0.66
CA LYS A 44 26.33 -4.97 -0.89
C LYS A 44 26.13 -5.82 -2.16
N GLY A 45 27.10 -5.76 -3.09
CA GLY A 45 27.04 -6.51 -4.34
C GLY A 45 26.48 -5.73 -5.52
N GLU A 46 25.94 -4.51 -5.27
CA GLU A 46 25.39 -3.63 -6.33
C GLU A 46 26.13 -2.28 -6.31
N ALA A 47 26.78 -1.91 -7.43
CA ALA A 47 27.48 -0.62 -7.52
C ALA A 47 26.48 0.54 -7.49
N GLU A 48 25.32 0.32 -8.10
CA GLU A 48 24.28 1.34 -8.20
C GLU A 48 22.93 0.67 -8.05
N THR A 49 22.04 1.31 -7.29
CA THR A 49 20.72 0.76 -7.04
C THR A 49 19.67 1.80 -7.41
N ARG A 50 18.65 1.39 -8.19
CA ARG A 50 17.53 2.27 -8.53
C ARG A 50 16.73 2.44 -7.25
N VAL A 51 16.33 3.67 -6.93
CA VAL A 51 15.63 3.95 -5.68
C VAL A 51 14.48 4.94 -5.87
N ALA A 52 13.58 4.98 -4.90
CA ALA A 52 12.58 6.02 -4.78
C ALA A 52 13.10 6.88 -3.62
N VAL A 53 13.08 8.22 -3.75
CA VAL A 53 13.58 9.11 -2.73
C VAL A 53 12.48 10.10 -2.36
N LYS A 54 12.17 10.15 -1.07
CA LYS A 54 11.17 11.10 -0.57
C LYS A 54 11.84 12.27 0.15
N THR A 55 11.42 13.49 -0.18
CA THR A 55 11.94 14.71 0.43
C THR A 55 10.83 15.29 1.25
N VAL A 56 11.16 16.11 2.24
CA VAL A 56 10.10 16.76 3.01
C VAL A 56 9.94 18.17 2.41
N ASN A 57 8.69 18.57 2.15
CA ASN A 57 8.29 19.87 1.59
C ASN A 57 8.80 21.03 2.44
N GLU A 58 9.01 22.21 1.80
CA GLU A 58 9.44 23.45 2.46
C GLU A 58 8.35 23.99 3.41
N SER A 59 7.08 23.73 3.08
CA SER A 59 5.90 24.15 3.85
C SER A 59 5.70 23.38 5.17
N ALA A 60 6.49 22.30 5.40
CA ALA A 60 6.37 21.47 6.60
C ALA A 60 6.87 22.12 7.87
N SER A 61 6.12 21.96 8.96
CA SER A 61 6.52 22.47 10.28
C SER A 61 7.69 21.63 10.82
N LEU A 62 8.35 22.09 11.88
CA LEU A 62 9.42 21.33 12.53
C LEU A 62 8.87 20.00 13.06
N ARG A 63 7.65 20.02 13.61
CA ARG A 63 7.00 18.79 14.07
C ARG A 63 6.87 17.77 12.93
N GLU A 64 6.44 18.22 11.74
CA GLU A 64 6.29 17.35 10.56
C GLU A 64 7.61 16.78 10.07
N ARG A 65 8.67 17.59 10.13
CA ARG A 65 10.02 17.15 9.77
C ARG A 65 10.49 16.03 10.72
N ILE A 66 10.21 16.16 12.04
CA ILE A 66 10.54 15.12 13.03
C ILE A 66 9.72 13.84 12.79
N GLU A 67 8.40 14.00 12.58
CA GLU A 67 7.47 12.90 12.31
C GLU A 67 7.92 12.11 11.07
N PHE A 68 8.42 12.82 10.03
CA PHE A 68 8.91 12.23 8.77
C PHE A 68 10.01 11.21 9.05
N LEU A 69 11.03 11.64 9.83
CA LEU A 69 12.16 10.80 10.23
C LEU A 69 11.73 9.69 11.15
N ASN A 70 10.76 9.97 12.06
CA ASN A 70 10.27 8.93 12.97
C ASN A 70 9.65 7.79 12.17
N GLU A 71 8.89 8.12 11.09
CA GLU A 71 8.28 7.12 10.20
C GLU A 71 9.36 6.29 9.51
N ALA A 72 10.46 6.92 9.06
CA ALA A 72 11.59 6.20 8.46
C ALA A 72 12.24 5.28 9.51
N SER A 73 12.39 5.76 10.77
CA SER A 73 12.98 4.98 11.87
C SER A 73 12.17 3.68 12.14
N VAL A 74 10.83 3.77 12.12
CA VAL A 74 9.94 2.61 12.30
C VAL A 74 10.20 1.56 11.21
N MET A 75 10.41 2.02 9.96
CA MET A 75 10.66 1.15 8.80
C MET A 75 11.94 0.35 8.89
N LYS A 76 12.87 0.76 9.77
CA LYS A 76 14.13 0.03 9.95
C LYS A 76 13.83 -1.40 10.43
N GLY A 77 12.69 -1.58 11.12
CA GLY A 77 12.30 -2.86 11.70
C GLY A 77 11.65 -3.84 10.75
N PHE A 78 11.36 -3.42 9.51
CA PHE A 78 10.65 -4.30 8.57
C PHE A 78 11.56 -4.93 7.52
N THR A 79 11.38 -6.24 7.27
CA THR A 79 12.23 -6.95 6.29
C THR A 79 11.41 -7.83 5.35
N CYS A 80 10.15 -7.47 5.10
CA CYS A 80 9.24 -8.27 4.28
C CYS A 80 9.38 -7.96 2.81
N HIS A 81 9.46 -9.01 2.00
CA HIS A 81 9.53 -8.91 0.54
C HIS A 81 8.25 -8.28 -0.02
N HIS A 82 7.09 -8.37 0.70
CA HIS A 82 5.84 -7.82 0.18
C HIS A 82 5.42 -6.49 0.87
N VAL A 83 6.39 -5.78 1.49
CA VAL A 83 6.15 -4.44 2.02
C VAL A 83 7.30 -3.62 1.46
N VAL A 84 7.02 -2.46 0.85
CA VAL A 84 8.08 -1.61 0.28
C VAL A 84 9.06 -1.28 1.42
N ARG A 85 10.37 -1.56 1.18
CA ARG A 85 11.42 -1.40 2.18
C ARG A 85 12.19 -0.11 2.19
N LEU A 86 12.66 0.25 3.38
CA LEU A 86 13.57 1.37 3.57
C LEU A 86 14.96 0.87 3.14
N LEU A 87 15.74 1.75 2.51
CA LEU A 87 17.12 1.45 2.10
C LEU A 87 18.14 2.34 2.78
N GLY A 88 17.74 3.55 3.14
CA GLY A 88 18.64 4.50 3.78
C GLY A 88 18.00 5.83 4.09
N VAL A 89 18.71 6.63 4.91
CA VAL A 89 18.22 7.93 5.34
C VAL A 89 19.35 8.95 5.23
N VAL A 90 19.02 10.15 4.80
CA VAL A 90 19.96 11.27 4.80
C VAL A 90 19.36 12.26 5.81
N SER A 91 19.89 12.29 7.06
CA SER A 91 19.40 13.20 8.13
C SER A 91 20.31 14.40 8.36
N LYS A 92 21.49 14.42 7.72
CA LYS A 92 22.46 15.48 7.86
C LYS A 92 22.08 16.63 6.95
N GLY A 93 21.60 17.72 7.57
CA GLY A 93 21.16 18.92 6.87
C GLY A 93 19.81 18.80 6.19
N GLN A 94 19.38 19.91 5.56
CA GLN A 94 18.11 19.96 4.84
C GLN A 94 18.34 19.98 3.31
N PRO A 95 17.48 19.31 2.51
CA PRO A 95 16.30 18.57 2.91
C PRO A 95 16.65 17.15 3.33
N THR A 96 15.93 16.67 4.33
CA THR A 96 16.05 15.30 4.80
C THR A 96 15.56 14.41 3.64
N LEU A 97 16.20 13.27 3.44
CA LEU A 97 15.84 12.32 2.39
C LEU A 97 15.58 10.94 2.96
N VAL A 98 14.50 10.31 2.50
CA VAL A 98 14.18 8.94 2.86
C VAL A 98 14.29 8.14 1.58
N VAL A 99 15.20 7.16 1.57
CA VAL A 99 15.52 6.35 0.40
C VAL A 99 14.86 5.00 0.54
N MET A 100 14.04 4.65 -0.45
CA MET A 100 13.29 3.38 -0.42
C MET A 100 13.58 2.57 -1.66
N GLU A 101 13.20 1.28 -1.66
CA GLU A 101 13.30 0.48 -2.88
C GLU A 101 12.35 1.12 -3.90
N LEU A 102 12.76 1.11 -5.14
CA LEU A 102 11.96 1.67 -6.22
C LEU A 102 10.89 0.67 -6.64
N MET A 103 9.66 1.16 -6.82
CA MET A 103 8.58 0.33 -7.34
C MET A 103 8.38 0.90 -8.75
N ALA A 104 9.12 0.34 -9.70
CA ALA A 104 9.22 0.87 -11.07
C ALA A 104 7.89 0.98 -11.87
N HIS A 105 6.83 0.22 -11.48
CA HIS A 105 5.55 0.31 -12.21
C HIS A 105 4.52 1.15 -11.44
N GLY A 106 4.99 1.86 -10.40
CA GLY A 106 4.17 2.79 -9.65
C GLY A 106 3.07 2.19 -8.81
N ASP A 107 2.02 2.98 -8.56
CA ASP A 107 0.92 2.48 -7.74
C ASP A 107 0.03 1.53 -8.52
N LEU A 108 -0.57 0.58 -7.79
CA LEU A 108 -1.42 -0.44 -8.39
C LEU A 108 -2.63 0.18 -9.11
N LYS A 109 -3.21 1.26 -8.56
CA LYS A 109 -4.36 1.89 -9.24
C LYS A 109 -4.00 2.40 -10.67
N SER A 110 -2.95 3.22 -10.79
CA SER A 110 -2.56 3.73 -12.11
C SER A 110 -2.06 2.56 -13.00
N TYR A 111 -1.39 1.54 -12.42
CA TYR A 111 -0.95 0.38 -13.19
C TYR A 111 -2.14 -0.37 -13.83
N LEU A 112 -3.18 -0.65 -13.03
CA LEU A 112 -4.39 -1.30 -13.51
C LEU A 112 -5.10 -0.49 -14.60
N ARG A 113 -5.21 0.84 -14.40
CA ARG A 113 -5.86 1.73 -15.38
C ARG A 113 -5.13 1.74 -16.73
N SER A 114 -3.79 1.54 -16.71
CA SER A 114 -2.99 1.49 -17.94
C SER A 114 -3.28 0.24 -18.77
N LEU A 115 -3.84 -0.82 -18.12
CA LEU A 115 -4.11 -2.08 -18.79
C LEU A 115 -5.51 -2.14 -19.41
N ARG A 116 -6.29 -1.04 -19.27
CA ARG A 116 -7.63 -0.94 -19.88
C ARG A 116 -7.46 -0.90 -21.42
N PRO A 117 -8.35 -1.56 -22.18
CA PRO A 117 -8.16 -1.62 -23.64
C PRO A 117 -8.01 -0.28 -24.35
N GLU A 118 -8.74 0.75 -23.89
CA GLU A 118 -8.69 2.06 -24.53
C GLU A 118 -7.75 3.06 -23.84
N ALA A 119 -6.95 2.61 -22.86
CA ALA A 119 -6.00 3.49 -22.16
C ALA A 119 -4.94 4.03 -23.14
N GLU A 120 -4.70 5.36 -23.11
CA GLU A 120 -3.70 6.01 -23.98
C GLU A 120 -2.27 5.54 -23.69
N ASN A 121 -1.99 5.11 -22.45
CA ASN A 121 -0.67 4.62 -22.02
C ASN A 121 -0.59 3.09 -21.91
N ASN A 122 -1.46 2.35 -22.62
CA ASN A 122 -1.43 0.87 -22.60
C ASN A 122 -0.05 0.35 -23.06
N PRO A 123 0.61 -0.54 -22.28
CA PRO A 123 1.93 -1.04 -22.67
C PRO A 123 1.98 -2.19 -23.69
N GLY A 124 0.85 -2.50 -24.31
CA GLY A 124 0.73 -3.58 -25.30
C GLY A 124 0.76 -4.97 -24.70
N ARG A 125 0.20 -5.11 -23.49
CA ARG A 125 0.12 -6.38 -22.79
C ARG A 125 -1.34 -6.59 -22.38
N PRO A 126 -1.78 -7.85 -22.23
CA PRO A 126 -3.18 -8.07 -21.83
C PRO A 126 -3.43 -7.67 -20.37
N PRO A 127 -4.72 -7.45 -19.96
CA PRO A 127 -5.00 -7.13 -18.56
C PRO A 127 -4.66 -8.35 -17.69
N PRO A 128 -4.61 -8.23 -16.35
CA PRO A 128 -4.20 -9.37 -15.51
C PRO A 128 -4.99 -10.64 -15.76
N THR A 129 -4.27 -11.76 -15.89
CA THR A 129 -4.87 -13.10 -16.06
C THR A 129 -5.37 -13.56 -14.67
N LEU A 130 -6.14 -14.67 -14.60
CA LEU A 130 -6.57 -15.19 -13.30
C LEU A 130 -5.36 -15.50 -12.41
N GLN A 131 -4.35 -16.16 -12.99
CA GLN A 131 -3.09 -16.51 -12.29
C GLN A 131 -2.44 -15.21 -11.72
N GLU A 132 -2.31 -14.16 -12.53
CA GLU A 132 -1.72 -12.87 -12.10
C GLU A 132 -2.51 -12.19 -10.96
N MET A 133 -3.85 -12.26 -11.04
CA MET A 133 -4.71 -11.68 -10.00
C MET A 133 -4.56 -12.45 -8.67
N ILE A 134 -4.51 -13.81 -8.73
CA ILE A 134 -4.31 -14.63 -7.54
C ILE A 134 -2.92 -14.33 -6.95
N GLN A 135 -1.90 -14.20 -7.81
CA GLN A 135 -0.54 -13.86 -7.36
C GLN A 135 -0.55 -12.53 -6.62
N MET A 136 -1.18 -11.49 -7.18
CA MET A 136 -1.27 -10.15 -6.59
C MET A 136 -1.97 -10.26 -5.22
N ALA A 137 -3.08 -11.00 -5.17
CA ALA A 137 -3.87 -11.16 -3.93
C ALA A 137 -3.00 -11.77 -2.83
N ALA A 138 -2.27 -12.83 -3.16
CA ALA A 138 -1.40 -13.51 -2.18
C ALA A 138 -0.28 -12.59 -1.69
N GLU A 139 0.33 -11.79 -2.61
CA GLU A 139 1.41 -10.87 -2.27
C GLU A 139 0.93 -9.77 -1.33
N ILE A 140 -0.22 -9.13 -1.68
CA ILE A 140 -0.83 -8.10 -0.83
C ILE A 140 -1.19 -8.72 0.54
N ALA A 141 -1.82 -9.90 0.53
CA ALA A 141 -2.20 -10.55 1.78
C ALA A 141 -0.97 -10.91 2.63
N ASP A 142 0.10 -11.35 2.00
CA ASP A 142 1.34 -11.71 2.72
C ASP A 142 1.95 -10.48 3.40
N GLY A 143 2.02 -9.34 2.68
CA GLY A 143 2.50 -8.08 3.25
C GLY A 143 1.60 -7.60 4.39
N MET A 144 0.29 -7.71 4.21
CA MET A 144 -0.64 -7.32 5.29
C MET A 144 -0.50 -8.25 6.52
N ALA A 145 -0.33 -9.58 6.29
CA ALA A 145 -0.13 -10.55 7.41
C ALA A 145 1.13 -10.17 8.18
N TYR A 146 2.16 -9.72 7.45
CA TYR A 146 3.41 -9.31 8.10
C TYR A 146 3.16 -8.09 8.98
N LEU A 147 2.49 -7.05 8.42
CA LEU A 147 2.16 -5.85 9.18
C LEU A 147 1.30 -6.15 10.41
N ASN A 148 0.33 -7.09 10.26
CA ASN A 148 -0.51 -7.53 11.37
C ASN A 148 0.34 -8.18 12.49
N ALA A 149 1.31 -9.02 12.07
CA ALA A 149 2.22 -9.69 13.02
C ALA A 149 3.06 -8.65 13.77
N LYS A 150 3.37 -7.53 13.11
CA LYS A 150 4.12 -6.41 13.68
C LYS A 150 3.23 -5.45 14.51
N LYS A 151 1.90 -5.74 14.60
CA LYS A 151 0.89 -5.00 15.36
C LYS A 151 0.51 -3.68 14.71
N PHE A 152 0.59 -3.63 13.38
CA PHE A 152 0.17 -2.46 12.64
C PHE A 152 -1.17 -2.74 11.97
N VAL A 153 -2.08 -1.82 12.12
CA VAL A 153 -3.36 -1.82 11.42
C VAL A 153 -3.12 -0.79 10.32
N HIS A 154 -3.32 -1.19 9.02
CA HIS A 154 -3.09 -0.28 7.89
C HIS A 154 -4.04 0.93 7.95
N ARG A 155 -5.37 0.67 8.01
CA ARG A 155 -6.46 1.66 8.04
C ARG A 155 -6.77 2.33 6.72
N ASN A 156 -5.90 2.19 5.73
CA ASN A 156 -6.09 2.88 4.45
C ASN A 156 -5.71 2.04 3.25
N LEU A 157 -5.89 0.71 3.35
CA LEU A 157 -5.50 -0.17 2.24
C LEU A 157 -6.36 0.10 1.02
N ALA A 158 -5.70 0.33 -0.13
CA ALA A 158 -6.36 0.62 -1.43
C ALA A 158 -5.35 0.39 -2.55
N ALA A 159 -5.85 0.23 -3.79
CA ALA A 159 -4.93 0.02 -4.93
C ALA A 159 -4.01 1.26 -5.07
N ARG A 160 -4.48 2.47 -4.65
CA ARG A 160 -3.68 3.72 -4.75
C ARG A 160 -2.39 3.68 -3.95
N ASN A 161 -2.32 2.80 -2.92
CA ASN A 161 -1.10 2.73 -2.11
C ASN A 161 -0.43 1.34 -2.13
N CYS A 162 -0.94 0.39 -2.93
CA CYS A 162 -0.23 -0.85 -3.19
C CYS A 162 0.67 -0.48 -4.34
N MET A 163 1.90 -1.00 -4.36
CA MET A 163 2.89 -0.60 -5.38
C MET A 163 3.31 -1.78 -6.24
N VAL A 164 3.77 -1.53 -7.47
CA VAL A 164 4.13 -2.59 -8.38
C VAL A 164 5.61 -2.44 -8.76
N ALA A 165 6.37 -3.52 -8.54
CA ALA A 165 7.80 -3.53 -8.84
C ALA A 165 8.10 -3.85 -10.32
N HIS A 166 9.38 -3.72 -10.72
CA HIS A 166 9.85 -3.98 -12.08
C HIS A 166 9.43 -5.37 -12.61
N ASP A 167 9.41 -6.39 -11.72
CA ASP A 167 9.05 -7.78 -12.06
C ASP A 167 7.56 -8.07 -11.79
N PHE A 168 6.78 -6.99 -11.54
CA PHE A 168 5.32 -7.00 -11.32
C PHE A 168 4.91 -7.51 -9.93
N THR A 169 5.88 -7.69 -9.00
CA THR A 169 5.52 -8.05 -7.63
C THR A 169 4.79 -6.85 -7.01
N VAL A 170 3.68 -7.15 -6.32
CA VAL A 170 2.90 -6.12 -5.65
C VAL A 170 3.29 -6.13 -4.18
N LYS A 171 3.43 -4.92 -3.62
CA LYS A 171 3.84 -4.76 -2.24
C LYS A 171 3.04 -3.66 -1.57
N ILE A 172 2.92 -3.76 -0.23
CA ILE A 172 2.27 -2.73 0.58
C ILE A 172 3.16 -1.47 0.56
N GLY A 173 2.58 -0.34 0.18
CA GLY A 173 3.27 0.95 0.11
C GLY A 173 3.08 1.74 1.38
N ASP A 174 2.61 2.99 1.26
CA ASP A 174 2.41 3.88 2.40
C ASP A 174 1.17 3.53 3.22
N PHE A 175 1.39 3.21 4.50
CA PHE A 175 0.32 2.91 5.46
C PHE A 175 0.28 3.96 6.57
N GLY A 176 0.90 5.12 6.34
CA GLY A 176 0.90 6.21 7.31
C GLY A 176 -0.46 6.85 7.48
N MET A 177 -0.60 7.71 8.51
CA MET A 177 -1.87 8.35 8.84
C MET A 177 -2.17 9.61 8.02
N THR A 178 -1.15 10.16 7.27
CA THR A 178 -1.32 11.38 6.46
C THR A 178 -2.33 11.14 5.33
N ARG A 179 -3.26 12.10 5.16
CA ARG A 179 -4.30 12.02 4.12
C ARG A 179 -4.19 13.23 3.20
N ASP A 180 -3.98 12.98 1.90
CA ASP A 180 -3.87 14.04 0.90
C ASP A 180 -5.22 14.74 0.72
N ILE A 181 -5.25 16.09 0.92
CA ILE A 181 -6.42 16.95 0.78
C ILE A 181 -6.98 16.98 -0.67
N TYR A 182 -6.12 16.69 -1.68
CA TYR A 182 -6.52 16.68 -3.11
C TYR A 182 -6.93 15.28 -3.63
N GLU A 183 -6.92 14.25 -2.77
CA GLU A 183 -7.28 12.87 -3.15
C GLU A 183 -8.79 12.70 -3.05
N THR A 184 -9.45 12.46 -4.20
CA THR A 184 -10.91 12.29 -4.27
C THR A 184 -11.38 10.97 -3.62
N ASP A 185 -10.44 10.01 -3.40
CA ASP A 185 -10.73 8.75 -2.71
C ASP A 185 -11.07 9.00 -1.23
N TYR A 186 -10.94 10.27 -0.75
CA TYR A 186 -11.29 10.61 0.63
C TYR A 186 -12.50 11.48 0.70
N TYR A 187 -13.21 11.38 1.83
CA TYR A 187 -14.40 12.16 2.14
C TYR A 187 -14.09 12.97 3.40
N ARG A 188 -14.35 14.29 3.32
CA ARG A 188 -14.16 15.14 4.48
C ARG A 188 -15.41 14.98 5.35
N LYS A 189 -15.25 14.31 6.50
CA LYS A 189 -16.35 14.16 7.43
C LYS A 189 -16.14 15.15 8.54
N GLY A 190 -17.13 16.05 8.72
CA GLY A 190 -17.10 17.10 9.72
C GLY A 190 -16.79 16.59 11.12
N GLY A 191 -15.61 16.97 11.61
CA GLY A 191 -15.15 16.52 12.92
C GLY A 191 -14.70 15.08 12.96
N LYS A 192 -14.18 14.56 11.85
CA LYS A 192 -13.68 13.18 11.74
C LYS A 192 -12.46 13.10 10.80
N GLY A 193 -12.20 14.19 10.08
CA GLY A 193 -11.09 14.24 9.13
C GLY A 193 -11.40 13.58 7.81
N LEU A 194 -10.34 13.31 7.01
CA LEU A 194 -10.48 12.68 5.70
C LEU A 194 -10.57 11.16 5.85
N LEU A 195 -11.65 10.58 5.31
CA LEU A 195 -11.92 9.14 5.40
C LEU A 195 -12.07 8.46 4.04
N PRO A 196 -11.37 7.31 3.84
CA PRO A 196 -11.50 6.56 2.58
C PRO A 196 -12.79 5.71 2.67
N VAL A 197 -13.94 6.39 2.72
CA VAL A 197 -15.24 5.77 2.98
C VAL A 197 -15.53 4.57 2.07
N ARG A 198 -15.15 4.63 0.77
CA ARG A 198 -15.41 3.56 -0.20
C ARG A 198 -14.61 2.26 0.06
N TRP A 199 -13.63 2.33 0.97
CA TRP A 199 -12.78 1.18 1.31
C TRP A 199 -13.03 0.74 2.76
N MET A 200 -13.92 1.43 3.48
CA MET A 200 -14.10 1.16 4.91
C MET A 200 -15.15 0.15 5.26
N ALA A 201 -14.86 -0.60 6.33
CA ALA A 201 -15.78 -1.61 6.86
C ALA A 201 -16.97 -0.93 7.55
N PRO A 202 -18.16 -1.57 7.57
CA PRO A 202 -19.33 -0.94 8.22
C PRO A 202 -19.05 -0.53 9.66
N GLU A 203 -18.37 -1.38 10.47
CA GLU A 203 -18.06 -1.03 11.86
C GLU A 203 -17.15 0.21 11.99
N SER A 204 -16.24 0.44 11.00
CA SER A 204 -15.35 1.61 10.98
C SER A 204 -16.15 2.86 10.65
N LEU A 205 -17.08 2.73 9.69
CA LEU A 205 -17.98 3.86 9.34
C LEU A 205 -18.89 4.21 10.49
N LYS A 206 -19.29 3.21 11.29
CA LYS A 206 -20.23 3.41 12.39
C LYS A 206 -19.59 3.93 13.67
N ASP A 207 -18.53 3.23 14.11
CA ASP A 207 -17.90 3.46 15.41
C ASP A 207 -16.50 4.06 15.34
N GLY A 208 -15.93 4.14 14.15
CA GLY A 208 -14.57 4.64 13.98
C GLY A 208 -13.52 3.64 14.46
N VAL A 209 -13.90 2.35 14.58
CA VAL A 209 -12.93 1.34 15.02
C VAL A 209 -12.21 0.74 13.80
N PHE A 210 -10.88 0.62 13.87
CA PHE A 210 -10.07 0.03 12.79
C PHE A 210 -9.29 -1.13 13.38
N THR A 211 -9.35 -2.30 12.74
CA THR A 211 -8.68 -3.52 13.18
C THR A 211 -8.14 -4.25 11.97
N THR A 212 -7.43 -5.35 12.19
CA THR A 212 -6.98 -6.17 11.04
C THR A 212 -8.22 -6.72 10.26
N SER A 213 -9.39 -6.93 10.95
CA SER A 213 -10.62 -7.38 10.28
C SER A 213 -11.19 -6.27 9.35
N SER A 214 -11.09 -4.97 9.75
CA SER A 214 -11.54 -3.91 8.85
C SER A 214 -10.53 -3.72 7.69
N ASP A 215 -9.22 -4.04 7.90
CA ASP A 215 -8.22 -4.05 6.81
C ASP A 215 -8.61 -5.17 5.80
N MET A 216 -9.19 -6.29 6.29
CA MET A 216 -9.64 -7.38 5.41
C MET A 216 -10.79 -6.90 4.52
N TRP A 217 -11.70 -6.09 5.05
CA TRP A 217 -12.78 -5.49 4.24
C TRP A 217 -12.10 -4.67 3.09
N SER A 218 -11.13 -3.78 3.44
CA SER A 218 -10.40 -2.95 2.45
C SER A 218 -9.72 -3.84 1.41
N PHE A 219 -9.14 -4.98 1.85
CA PHE A 219 -8.47 -5.94 0.97
C PHE A 219 -9.46 -6.44 -0.07
N GLY A 220 -10.69 -6.74 0.37
CA GLY A 220 -11.75 -7.14 -0.56
C GLY A 220 -12.00 -6.06 -1.60
N VAL A 221 -12.02 -4.79 -1.17
CA VAL A 221 -12.18 -3.68 -2.11
C VAL A 221 -10.97 -3.63 -3.11
N VAL A 222 -9.73 -3.91 -2.65
CA VAL A 222 -8.55 -3.91 -3.57
C VAL A 222 -8.74 -5.01 -4.61
N LEU A 223 -9.29 -6.17 -4.19
CA LEU A 223 -9.60 -7.27 -5.12
C LEU A 223 -10.61 -6.82 -6.15
N TRP A 224 -11.60 -6.04 -5.70
CA TRP A 224 -12.60 -5.47 -6.59
C TRP A 224 -11.93 -4.50 -7.58
N GLU A 225 -10.97 -3.68 -7.11
CA GLU A 225 -10.25 -2.75 -8.01
C GLU A 225 -9.44 -3.54 -9.04
N ILE A 226 -8.81 -4.63 -8.61
CA ILE A 226 -8.05 -5.48 -9.56
C ILE A 226 -8.98 -5.99 -10.68
N THR A 227 -10.12 -6.57 -10.28
CA THR A 227 -11.03 -7.19 -11.24
C THR A 227 -11.84 -6.18 -12.08
N SER A 228 -11.86 -4.88 -11.69
CA SER A 228 -12.58 -3.84 -12.44
C SER A 228 -11.57 -2.91 -13.18
N LEU A 229 -10.26 -3.21 -13.10
CA LEU A 229 -9.18 -2.36 -13.63
C LEU A 229 -9.26 -0.96 -13.05
N ALA A 230 -9.45 -0.93 -11.72
CA ALA A 230 -9.46 0.26 -10.86
C ALA A 230 -10.53 1.29 -11.21
N GLU A 231 -11.77 0.81 -11.32
CA GLU A 231 -12.97 1.65 -11.47
CA GLU A 231 -12.91 1.71 -11.49
C GLU A 231 -13.16 2.27 -10.08
N GLN A 232 -13.93 3.34 -9.96
CA GLN A 232 -14.21 3.92 -8.64
C GLN A 232 -15.26 3.03 -7.94
N PRO A 233 -14.99 2.51 -6.71
CA PRO A 233 -16.02 1.70 -6.02
C PRO A 233 -17.30 2.51 -5.79
N TYR A 234 -18.49 1.91 -5.99
CA TYR A 234 -19.79 2.58 -5.80
C TYR A 234 -19.93 3.83 -6.69
N GLN A 235 -19.49 3.74 -7.95
CA GLN A 235 -19.61 4.83 -8.93
C GLN A 235 -21.11 5.12 -9.06
N GLY A 236 -21.46 6.40 -9.04
CA GLY A 236 -22.87 6.80 -9.09
C GLY A 236 -23.43 7.10 -7.72
N LEU A 237 -22.74 6.65 -6.65
CA LEU A 237 -23.14 6.92 -5.27
C LEU A 237 -22.24 8.00 -4.72
N SER A 238 -22.81 8.96 -3.95
CA SER A 238 -22.02 10.00 -3.28
C SER A 238 -21.37 9.38 -2.03
N ASN A 239 -20.44 10.10 -1.39
CA ASN A 239 -19.78 9.63 -0.18
C ASN A 239 -20.78 9.31 0.93
N GLU A 240 -21.79 10.19 1.13
CA GLU A 240 -22.87 10.03 2.09
C GLU A 240 -23.71 8.81 1.77
N GLN A 241 -24.01 8.61 0.46
CA GLN A 241 -24.80 7.46 0.01
C GLN A 241 -24.07 6.15 0.28
N VAL A 242 -22.74 6.14 0.11
CA VAL A 242 -21.87 4.99 0.37
C VAL A 242 -21.92 4.66 1.87
N LEU A 243 -21.73 5.67 2.74
CA LEU A 243 -21.74 5.48 4.19
C LEU A 243 -23.03 4.78 4.64
N LYS A 244 -24.19 5.26 4.17
CA LYS A 244 -25.49 4.66 4.54
C LYS A 244 -25.61 3.24 3.98
N PHE A 245 -25.30 3.05 2.68
CA PHE A 245 -25.37 1.77 1.99
C PHE A 245 -24.55 0.67 2.67
N VAL A 246 -23.28 0.94 2.97
CA VAL A 246 -22.41 -0.06 3.60
C VAL A 246 -22.84 -0.32 5.05
N MET A 247 -23.19 0.74 5.80
CA MET A 247 -23.66 0.56 7.17
C MET A 247 -24.93 -0.28 7.26
N ASP A 248 -25.80 -0.21 6.22
CA ASP A 248 -27.04 -0.98 6.09
C ASP A 248 -26.80 -2.46 5.71
N GLY A 249 -25.58 -2.78 5.29
CA GLY A 249 -25.24 -4.15 4.88
C GLY A 249 -25.00 -4.32 3.40
N GLY A 250 -24.95 -3.21 2.66
CA GLY A 250 -24.68 -3.25 1.23
C GLY A 250 -23.22 -3.49 0.94
N TYR A 251 -22.93 -4.07 -0.21
CA TYR A 251 -21.54 -4.31 -0.63
C TYR A 251 -21.48 -4.21 -2.15
N LEU A 252 -20.27 -4.18 -2.70
CA LEU A 252 -20.06 -4.03 -4.15
C LEU A 252 -20.60 -5.17 -5.01
N ASP A 253 -21.18 -4.82 -6.18
CA ASP A 253 -21.60 -5.78 -7.20
C ASP A 253 -20.32 -6.29 -7.80
N GLN A 254 -20.29 -7.55 -8.21
CA GLN A 254 -19.11 -8.11 -8.86
C GLN A 254 -18.91 -7.44 -10.22
N PRO A 255 -17.66 -7.09 -10.58
CA PRO A 255 -17.43 -6.49 -11.91
C PRO A 255 -17.79 -7.48 -13.00
N ASP A 256 -18.05 -6.97 -14.20
CA ASP A 256 -18.38 -7.79 -15.34
C ASP A 256 -17.37 -8.88 -15.57
N ASN A 257 -17.89 -10.09 -15.75
CA ASN A 257 -17.14 -11.33 -16.01
C ASN A 257 -15.95 -11.50 -15.06
N CYS A 258 -16.23 -11.33 -13.76
CA CYS A 258 -15.24 -11.50 -12.71
C CYS A 258 -15.00 -12.99 -12.49
N PRO A 259 -13.73 -13.46 -12.39
CA PRO A 259 -13.51 -14.89 -12.13
C PRO A 259 -14.12 -15.29 -10.80
N GLU A 260 -14.78 -16.45 -10.78
CA GLU A 260 -15.46 -17.00 -9.60
C GLU A 260 -14.58 -17.09 -8.34
N ARG A 261 -13.29 -17.49 -8.48
CA ARG A 261 -12.42 -17.62 -7.30
C ARG A 261 -12.22 -16.25 -6.61
N VAL A 262 -12.15 -15.16 -7.41
CA VAL A 262 -11.93 -13.82 -6.86
C VAL A 262 -13.22 -13.28 -6.25
N THR A 263 -14.38 -13.53 -6.89
CA THR A 263 -15.70 -13.19 -6.33
C THR A 263 -15.85 -13.83 -4.91
N ASP A 264 -15.49 -15.12 -4.79
CA ASP A 264 -15.56 -15.84 -3.51
C ASP A 264 -14.71 -15.16 -2.44
N LEU A 265 -13.47 -14.74 -2.80
CA LEU A 265 -12.56 -14.04 -1.86
C LEU A 265 -13.19 -12.74 -1.36
N MET A 266 -13.76 -11.92 -2.30
CA MET A 266 -14.42 -10.65 -1.97
C MET A 266 -15.58 -10.85 -1.02
N ARG A 267 -16.42 -11.86 -1.31
CA ARG A 267 -17.59 -12.14 -0.47
C ARG A 267 -17.19 -12.46 0.96
N MET A 268 -16.08 -13.20 1.17
CA MET A 268 -15.53 -13.56 2.48
CA MET A 268 -15.62 -13.52 2.51
C MET A 268 -15.11 -12.27 3.20
N CYS A 269 -14.41 -11.35 2.46
CA CYS A 269 -13.94 -10.07 3.02
C CYS A 269 -15.07 -9.16 3.48
N TRP A 270 -16.24 -9.30 2.85
CA TRP A 270 -17.34 -8.39 3.08
C TRP A 270 -18.45 -8.92 3.97
N GLN A 271 -18.14 -9.94 4.82
CA GLN A 271 -19.09 -10.44 5.81
C GLN A 271 -19.37 -9.26 6.78
N PHE A 272 -20.65 -9.07 7.17
CA PHE A 272 -20.98 -7.94 8.03
C PHE A 272 -20.28 -8.04 9.40
N ASN A 273 -20.28 -9.23 9.99
CA ASN A 273 -19.66 -9.50 11.28
C ASN A 273 -18.14 -9.59 11.03
N PRO A 274 -17.32 -8.68 11.61
CA PRO A 274 -15.86 -8.73 11.38
C PRO A 274 -15.23 -10.06 11.80
N LYS A 275 -15.83 -10.76 12.80
CA LYS A 275 -15.28 -12.03 13.27
C LYS A 275 -15.40 -13.17 12.23
N MET A 276 -16.29 -13.02 11.23
CA MET A 276 -16.53 -14.01 10.20
C MET A 276 -15.59 -13.84 8.98
N ARG A 277 -14.89 -12.69 8.91
CA ARG A 277 -13.96 -12.43 7.80
C ARG A 277 -12.69 -13.27 7.96
N PRO A 278 -12.00 -13.63 6.85
CA PRO A 278 -10.73 -14.37 7.02
C PRO A 278 -9.66 -13.48 7.60
N THR A 279 -8.54 -14.10 8.02
CA THR A 279 -7.36 -13.36 8.44
C THR A 279 -6.45 -13.32 7.19
N PHE A 280 -5.42 -12.46 7.18
CA PHE A 280 -4.52 -12.39 6.02
C PHE A 280 -3.72 -13.68 5.87
N LEU A 281 -3.33 -14.32 6.99
CA LEU A 281 -2.63 -15.62 6.91
C LEU A 281 -3.57 -16.67 6.26
N GLU A 282 -4.87 -16.65 6.60
CA GLU A 282 -5.84 -17.59 6.00
C GLU A 282 -5.95 -17.36 4.49
N ILE A 283 -5.85 -16.10 4.03
CA ILE A 283 -5.91 -15.78 2.59
C ILE A 283 -4.72 -16.44 1.87
N VAL A 284 -3.50 -16.21 2.38
CA VAL A 284 -2.30 -16.80 1.80
C VAL A 284 -2.41 -18.35 1.82
N ASN A 285 -2.85 -18.93 2.95
CA ASN A 285 -3.00 -20.39 3.02
C ASN A 285 -3.95 -20.94 1.93
N LEU A 286 -5.05 -20.23 1.67
CA LEU A 286 -6.03 -20.61 0.64
C LEU A 286 -5.42 -20.59 -0.78
N LEU A 287 -4.55 -19.63 -1.05
CA LEU A 287 -3.98 -19.41 -2.39
C LEU A 287 -2.59 -20.04 -2.64
N LYS A 288 -1.91 -20.53 -1.59
CA LYS A 288 -0.52 -21.00 -1.64
C LYS A 288 -0.17 -22.07 -2.74
N ASP A 289 -1.13 -22.92 -3.14
CA ASP A 289 -0.80 -23.96 -4.14
C ASP A 289 -0.83 -23.47 -5.58
N ASP A 290 -1.31 -22.25 -5.81
CA ASP A 290 -1.43 -21.69 -7.15
C ASP A 290 -0.55 -20.47 -7.30
N LEU A 291 0.70 -20.47 -6.75
CA LEU A 291 1.59 -19.29 -6.83
C LEU A 291 2.89 -19.60 -7.53
N HIS A 292 3.62 -18.54 -7.93
CA HIS A 292 4.92 -18.66 -8.57
C HIS A 292 5.84 -19.50 -7.65
N PRO A 293 6.74 -20.34 -8.22
CA PRO A 293 7.62 -21.17 -7.35
C PRO A 293 8.52 -20.38 -6.39
N SER A 294 8.82 -19.09 -6.68
CA SER A 294 9.65 -18.28 -5.80
C SER A 294 8.92 -17.82 -4.50
N PHE A 295 7.57 -17.86 -4.51
CA PHE A 295 6.78 -17.38 -3.37
C PHE A 295 7.26 -17.94 -1.99
N PRO A 296 7.42 -19.28 -1.80
CA PRO A 296 7.89 -19.78 -0.48
C PRO A 296 9.29 -19.33 -0.08
N GLU A 297 10.12 -18.92 -1.06
CA GLU A 297 11.48 -18.46 -0.76
C GLU A 297 11.46 -17.03 -0.24
N VAL A 298 10.39 -16.23 -0.56
CA VAL A 298 10.37 -14.82 -0.19
C VAL A 298 9.25 -14.40 0.76
N SER A 299 8.20 -15.23 0.91
CA SER A 299 7.05 -14.81 1.70
C SER A 299 7.26 -14.79 3.18
N PHE A 300 6.49 -13.92 3.87
CA PHE A 300 6.45 -13.91 5.33
C PHE A 300 5.78 -15.24 5.75
N PHE A 301 4.69 -15.61 5.04
CA PHE A 301 3.94 -16.84 5.34
C PHE A 301 4.82 -18.10 5.51
N HIS A 302 5.77 -18.31 4.59
CA HIS A 302 6.63 -19.51 4.61
C HIS A 302 7.93 -19.31 5.42
N SER A 303 8.12 -18.10 5.97
CA SER A 303 9.34 -17.77 6.72
C SER A 303 9.32 -18.35 8.12
N GLU A 304 10.51 -18.39 8.75
CA GLU A 304 10.63 -18.85 10.12
C GLU A 304 10.03 -17.84 11.12
N GLU A 305 9.77 -16.59 10.67
CA GLU A 305 9.13 -15.54 11.46
C GLU A 305 7.61 -15.73 11.61
N ASN A 306 6.99 -16.58 10.75
CA ASN A 306 5.55 -16.81 10.82
C ASN A 306 5.23 -17.85 11.86
N LYS A 307 5.10 -17.35 13.12
CA LYS A 307 4.85 -18.15 14.31
C LYS A 307 3.73 -17.56 15.19
#